data_4H2O
#
_entry.id   4H2O
#
_cell.length_a   63.377
_cell.length_b   68.372
_cell.length_c   109.938
_cell.angle_alpha   90.00
_cell.angle_beta   90.00
_cell.angle_gamma   90.00
#
_symmetry.space_group_name_H-M   'P 21 21 21'
#
loop_
_entity.id
_entity.type
_entity.pdbx_description
1 polymer 'Undecaprenyl pyrophosphate synthase'
2 non-polymer '2-{[3-(decyloxy)benzoyl]amino}-5-nitrobenzoic acid'
3 water water
#
_entity_poly.entity_id   1
_entity_poly.type   'polypeptide(L)'
_entity_poly.pdbx_seq_one_letter_code
;MMLSATQPLSEKLPAHGCRHVAIIMDGNGRWAKKQGKIRAFGHKAGAKSVRRAVSFAANNGIEALTLYAFSSENWNRPAQ
EVSALMELFVWALDSEVKSLHRHNVRLRIIGDTSRFNSRLQERIRKSEALTAGNTGLTLNIAANYGGRWDIVQGVRQLAE
KVQQGNLQPDQIDEEMLNQHVCMHELAPVDLVIRTGGEHRISNFLLWQIAYAELYFTDVLWPDFDEQDFEGALNAFANRE
RRFGGTEPGDETA
;
_entity_poly.pdbx_strand_id   B,A
#
# COMPACT_ATOMS: atom_id res chain seq x y z
N PRO A 14 12.49 -19.34 12.28
CA PRO A 14 12.26 -20.21 11.13
C PRO A 14 13.03 -19.68 9.90
N ALA A 15 13.56 -20.55 9.05
CA ALA A 15 14.48 -20.10 7.98
C ALA A 15 13.84 -18.97 7.15
N HIS A 16 12.55 -19.15 6.84
CA HIS A 16 11.88 -18.19 5.96
C HIS A 16 11.96 -16.83 6.58
N GLY A 17 12.11 -16.76 7.90
CA GLY A 17 12.16 -15.48 8.65
C GLY A 17 10.89 -14.63 8.63
N CYS A 18 9.72 -15.25 8.37
CA CYS A 18 8.51 -14.46 8.18
C CYS A 18 7.51 -14.65 9.35
N ARG A 19 7.13 -13.57 10.00
CA ARG A 19 6.21 -13.61 11.15
C ARG A 19 4.69 -13.44 10.82
N HIS A 20 4.35 -12.52 9.93
CA HIS A 20 2.96 -12.21 9.64
C HIS A 20 2.73 -12.21 8.14
N VAL A 21 1.88 -13.09 7.62
CA VAL A 21 1.55 -13.12 6.21
C VAL A 21 0.08 -12.72 5.99
N ALA A 22 -0.19 -11.86 4.99
CA ALA A 22 -1.59 -11.48 4.68
C ALA A 22 -1.82 -11.89 3.25
N ILE A 23 -2.98 -12.47 2.99
CA ILE A 23 -3.36 -13.01 1.67
C ILE A 23 -4.67 -12.40 1.09
N ILE A 24 -4.53 -11.84 -0.13
CA ILE A 24 -5.71 -11.48 -0.91
C ILE A 24 -6.07 -12.73 -1.72
N MET A 25 -7.11 -13.42 -1.28
CA MET A 25 -7.45 -14.72 -1.82
C MET A 25 -8.32 -14.60 -3.12
N ASP A 26 -7.73 -14.19 -4.23
CA ASP A 26 -8.58 -13.95 -5.40
C ASP A 26 -8.52 -15.11 -6.43
N GLY A 27 -9.58 -15.22 -7.23
CA GLY A 27 -9.60 -16.11 -8.38
C GLY A 27 -10.51 -17.30 -8.20
N ASN A 28 -11.35 -17.33 -7.13
CA ASN A 28 -12.29 -18.45 -6.96
C ASN A 28 -13.31 -18.55 -8.15
N GLY A 29 -13.87 -17.40 -8.54
CA GLY A 29 -14.80 -17.24 -9.68
C GLY A 29 -14.20 -17.71 -11.01
N ARG A 30 -13.04 -17.18 -11.37
CA ARG A 30 -12.27 -17.61 -12.57
C ARG A 30 -12.00 -19.10 -12.59
N TRP A 31 -11.64 -19.63 -11.43
CA TRP A 31 -11.31 -21.03 -11.28
C TRP A 31 -12.54 -21.85 -11.63
N ALA A 32 -13.70 -21.41 -11.16
CA ALA A 32 -14.96 -22.08 -11.48
C ALA A 32 -15.31 -22.01 -12.99
N LYS A 33 -15.34 -20.80 -13.55
CA LYS A 33 -15.62 -20.64 -14.96
C LYS A 33 -14.71 -21.50 -15.80
N LYS A 34 -13.43 -21.54 -15.43
CA LYS A 34 -12.48 -22.41 -16.14
C LYS A 34 -12.98 -23.83 -16.26
N GLN A 35 -13.66 -24.33 -15.23
CA GLN A 35 -14.12 -25.72 -15.25
C GLN A 35 -15.57 -25.89 -15.64
N GLY A 36 -16.19 -24.81 -16.06
CA GLY A 36 -17.55 -24.83 -16.54
C GLY A 36 -18.54 -24.95 -15.40
N LYS A 37 -18.11 -24.56 -14.20
CA LYS A 37 -18.93 -24.62 -13.05
C LYS A 37 -19.31 -23.24 -12.56
N ILE A 38 -20.36 -23.22 -11.75
CA ILE A 38 -20.86 -22.01 -11.18
C ILE A 38 -19.97 -21.53 -10.01
N ARG A 39 -20.13 -20.26 -9.69
CA ARG A 39 -19.22 -19.58 -8.78
C ARG A 39 -19.19 -20.37 -7.49
N ALA A 40 -20.36 -20.84 -7.06
CA ALA A 40 -20.44 -21.67 -5.84
C ALA A 40 -19.36 -22.78 -5.69
N PHE A 41 -18.95 -23.40 -6.79
CA PHE A 41 -17.97 -24.50 -6.64
C PHE A 41 -16.56 -23.90 -6.38
N GLY A 42 -16.33 -22.74 -6.96
CA GLY A 42 -15.14 -21.92 -6.68
C GLY A 42 -15.02 -21.62 -5.21
N HIS A 43 -16.12 -21.19 -4.59
CA HIS A 43 -16.08 -20.89 -3.15
C HIS A 43 -15.81 -22.08 -2.30
N LYS A 44 -16.46 -23.21 -2.62
CA LYS A 44 -16.14 -24.48 -1.94
C LYS A 44 -14.65 -24.82 -2.06
N ALA A 45 -14.11 -24.81 -3.29
CA ALA A 45 -12.70 -25.12 -3.44
C ALA A 45 -11.85 -24.05 -2.78
N GLY A 46 -12.29 -22.79 -2.83
CA GLY A 46 -11.58 -21.74 -2.09
C GLY A 46 -11.55 -22.05 -0.60
N ALA A 47 -12.69 -22.50 -0.07
CA ALA A 47 -12.76 -22.89 1.37
C ALA A 47 -11.72 -23.99 1.71
N LYS A 48 -11.60 -25.02 0.87
CA LYS A 48 -10.59 -26.04 1.11
C LYS A 48 -9.20 -25.41 1.14
N SER A 49 -8.99 -24.42 0.27
CA SER A 49 -7.68 -23.85 0.11
C SER A 49 -7.35 -22.94 1.33
N VAL A 50 -8.38 -22.32 1.91
CA VAL A 50 -8.24 -21.66 3.21
C VAL A 50 -7.70 -22.61 4.29
N ARG A 51 -8.24 -23.84 4.32
CA ARG A 51 -7.97 -24.77 5.40
C ARG A 51 -6.53 -25.18 5.26
N ARG A 52 -6.15 -25.49 4.01
CA ARG A 52 -4.79 -25.83 3.65
C ARG A 52 -3.77 -24.74 3.99
N ALA A 53 -4.13 -23.47 3.75
CA ALA A 53 -3.26 -22.37 4.05
C ALA A 53 -3.05 -22.20 5.55
N VAL A 54 -4.12 -22.40 6.32
CA VAL A 54 -4.10 -22.05 7.75
C VAL A 54 -3.15 -23.00 8.51
N SER A 55 -3.34 -24.24 8.14
CA SER A 55 -2.55 -25.36 8.49
C SER A 55 -1.08 -25.12 8.14
N PHE A 56 -0.81 -24.81 6.87
CA PHE A 56 0.55 -24.60 6.44
C PHE A 56 1.13 -23.59 7.37
N ALA A 57 0.46 -22.46 7.52
CA ALA A 57 1.00 -21.40 8.33
C ALA A 57 1.21 -21.83 9.78
N ALA A 58 0.35 -22.73 10.30
CA ALA A 58 0.38 -23.05 11.75
C ALA A 58 1.65 -23.83 12.03
N ASN A 59 1.94 -24.75 11.13
CA ASN A 59 3.09 -25.64 11.13
C ASN A 59 4.38 -25.11 10.50
N ASN A 60 4.61 -23.79 10.51
CA ASN A 60 5.82 -23.22 9.91
C ASN A 60 6.25 -21.98 10.63
N GLY A 61 5.69 -21.80 11.82
CA GLY A 61 6.18 -20.78 12.69
C GLY A 61 5.69 -19.41 12.34
N ILE A 62 4.66 -19.35 11.49
CA ILE A 62 4.07 -18.04 11.24
C ILE A 62 3.28 -17.64 12.49
N GLU A 63 3.42 -16.39 12.95
CA GLU A 63 2.63 -15.94 14.11
C GLU A 63 1.27 -15.30 13.82
N ALA A 64 1.09 -14.67 12.66
CA ALA A 64 -0.23 -14.16 12.28
C ALA A 64 -0.50 -14.38 10.76
N LEU A 65 -1.75 -14.69 10.42
CA LEU A 65 -2.13 -14.99 9.08
C LEU A 65 -3.45 -14.25 8.90
N THR A 66 -3.49 -13.35 7.92
CA THR A 66 -4.59 -12.47 7.75
C THR A 66 -5.15 -12.64 6.35
N LEU A 67 -6.41 -13.08 6.29
CA LEU A 67 -7.02 -13.50 5.06
C LEU A 67 -8.08 -12.52 4.61
N TYR A 68 -7.98 -12.08 3.35
CA TYR A 68 -8.98 -11.22 2.70
C TYR A 68 -9.63 -11.87 1.52
N ALA A 69 -10.90 -12.20 1.71
CA ALA A 69 -11.76 -12.84 0.68
C ALA A 69 -12.14 -11.79 -0.33
N PHE A 70 -11.83 -12.02 -1.57
CA PHE A 70 -12.13 -11.08 -2.62
C PHE A 70 -12.27 -11.83 -3.95
N SER A 71 -13.18 -11.42 -4.85
CA SER A 71 -13.25 -11.95 -6.24
C SER A 71 -13.08 -10.86 -7.34
N SER A 72 -12.19 -11.02 -8.33
CA SER A 72 -12.02 -9.98 -9.26
C SER A 72 -12.70 -10.42 -10.54
N PHE A 89 -17.38 -16.52 4.10
CA PHE A 89 -18.44 -15.81 4.82
C PHE A 89 -18.75 -16.44 6.20
N VAL A 90 -18.82 -15.57 7.15
CA VAL A 90 -18.59 -15.96 8.45
C VAL A 90 -19.52 -17.13 8.82
N TRP A 91 -20.76 -17.15 8.36
CA TRP A 91 -21.73 -18.05 8.95
C TRP A 91 -21.27 -19.44 9.33
N ALA A 92 -20.68 -20.20 8.41
CA ALA A 92 -20.03 -21.44 8.84
C ALA A 92 -18.67 -21.33 9.58
N LEU A 93 -18.42 -20.19 10.20
CA LEU A 93 -17.64 -20.16 11.44
C LEU A 93 -18.46 -20.89 12.47
N ASP A 94 -19.74 -21.07 12.16
CA ASP A 94 -20.58 -22.07 12.78
C ASP A 94 -19.80 -23.40 12.92
N SER A 95 -18.98 -23.73 11.92
CA SER A 95 -18.45 -25.09 11.85
C SER A 95 -16.92 -25.30 11.78
N GLU A 96 -16.09 -24.26 11.74
CA GLU A 96 -14.64 -24.45 11.61
C GLU A 96 -13.95 -23.99 12.88
N VAL A 97 -14.68 -23.22 13.67
CA VAL A 97 -14.16 -22.50 14.83
C VAL A 97 -13.74 -23.45 15.94
N LYS A 98 -14.38 -24.62 15.99
CA LYS A 98 -14.03 -25.68 16.95
C LYS A 98 -12.60 -26.13 16.73
N SER A 99 -12.26 -26.40 15.48
CA SER A 99 -10.86 -26.78 15.09
C SER A 99 -9.83 -25.67 15.33
N LEU A 100 -10.10 -24.50 14.80
CA LEU A 100 -9.25 -23.38 15.15
C LEU A 100 -8.86 -23.39 16.67
N HIS A 101 -9.88 -23.44 17.53
CA HIS A 101 -9.65 -23.48 18.97
C HIS A 101 -8.81 -24.65 19.34
N ARG A 102 -9.09 -25.84 18.78
CA ARG A 102 -8.31 -26.96 19.24
C ARG A 102 -6.86 -26.90 18.87
N HIS A 103 -6.50 -26.26 17.75
CA HIS A 103 -5.11 -26.03 17.44
C HIS A 103 -4.53 -24.78 18.11
N ASN A 104 -5.24 -24.23 19.07
CA ASN A 104 -4.58 -23.18 19.87
C ASN A 104 -4.48 -21.89 19.01
N VAL A 105 -5.38 -21.75 18.00
CA VAL A 105 -5.40 -20.58 17.11
C VAL A 105 -6.24 -19.47 17.75
N ARG A 106 -5.70 -18.25 17.81
CA ARG A 106 -6.39 -17.09 18.38
C ARG A 106 -7.17 -16.43 17.19
N LEU A 107 -8.50 -16.53 17.19
CA LEU A 107 -9.22 -16.11 15.99
C LEU A 107 -9.74 -14.70 16.14
N ARG A 108 -9.48 -13.91 15.14
CA ARG A 108 -9.86 -12.57 15.23
C ARG A 108 -10.50 -12.16 13.94
N ILE A 109 -11.58 -11.42 14.04
CA ILE A 109 -12.24 -10.93 12.89
C ILE A 109 -11.95 -9.47 12.80
N ILE A 110 -11.52 -8.99 11.65
CA ILE A 110 -11.27 -7.57 11.49
C ILE A 110 -12.19 -7.03 10.44
N GLY A 111 -12.72 -5.86 10.72
CA GLY A 111 -13.46 -5.05 9.75
C GLY A 111 -14.71 -4.49 10.43
N ASP A 112 -15.60 -3.90 9.64
CA ASP A 112 -16.79 -3.25 10.21
C ASP A 112 -18.03 -4.17 10.35
N THR A 113 -18.07 -4.86 11.50
CA THR A 113 -19.10 -5.85 11.83
C THR A 113 -20.22 -5.29 12.73
N SER A 114 -20.08 -4.04 13.15
CA SER A 114 -21.12 -3.39 13.93
C SER A 114 -22.32 -3.20 12.99
N ARG A 115 -22.10 -3.54 11.73
CA ARG A 115 -23.08 -3.47 10.67
C ARG A 115 -23.98 -4.71 10.60
N PHE A 116 -23.54 -5.84 11.17
CA PHE A 116 -24.12 -7.19 11.01
C PHE A 116 -25.25 -7.51 11.98
N ASN A 117 -26.08 -8.49 11.69
CA ASN A 117 -27.25 -8.75 12.54
C ASN A 117 -26.76 -9.18 13.90
N SER A 118 -27.55 -9.11 14.94
CA SER A 118 -27.01 -9.43 16.21
C SER A 118 -26.70 -10.91 16.43
N ARG A 119 -27.29 -11.83 15.67
CA ARG A 119 -26.94 -13.20 15.96
C ARG A 119 -25.51 -13.41 15.53
N LEU A 120 -25.24 -13.12 14.27
CA LEU A 120 -23.89 -13.04 13.70
C LEU A 120 -22.81 -12.34 14.58
N GLN A 121 -23.04 -11.08 14.95
CA GLN A 121 -22.13 -10.37 15.84
C GLN A 121 -21.84 -11.18 17.08
N GLU A 122 -22.84 -11.94 17.54
CA GLU A 122 -22.74 -12.69 18.78
C GLU A 122 -21.97 -14.00 18.55
N ARG A 123 -22.16 -14.58 17.38
CA ARG A 123 -21.37 -15.71 16.99
C ARG A 123 -19.87 -15.27 16.90
N ILE A 124 -19.61 -14.16 16.21
CA ILE A 124 -18.25 -13.66 16.11
C ILE A 124 -17.74 -13.48 17.57
N ARG A 125 -18.53 -12.78 18.37
CA ARG A 125 -18.10 -12.44 19.72
C ARG A 125 -17.68 -13.65 20.51
N LYS A 126 -18.41 -14.75 20.35
CA LYS A 126 -18.14 -15.94 21.14
C LYS A 126 -17.00 -16.76 20.60
N SER A 127 -16.84 -16.71 19.27
CA SER A 127 -15.71 -17.39 18.64
C SER A 127 -14.38 -16.69 19.02
N GLU A 128 -14.38 -15.34 19.06
CA GLU A 128 -13.23 -14.50 19.48
C GLU A 128 -13.00 -14.66 20.98
N ALA A 129 -14.07 -14.45 21.78
CA ALA A 129 -13.97 -14.64 23.24
C ALA A 129 -13.45 -16.04 23.51
N LEU A 130 -13.93 -17.03 22.74
CA LEU A 130 -13.48 -18.37 22.99
C LEU A 130 -11.99 -18.48 22.87
N THR A 131 -11.39 -18.03 21.74
CA THR A 131 -9.97 -18.37 21.44
C THR A 131 -9.03 -17.22 21.95
N ALA A 132 -9.54 -16.20 22.65
CA ALA A 132 -8.75 -14.95 22.86
C ALA A 132 -7.47 -15.10 23.70
N GLY A 133 -7.51 -16.06 24.60
CA GLY A 133 -6.30 -16.49 25.31
C GLY A 133 -5.56 -17.64 24.63
N ASN A 134 -5.82 -17.86 23.34
CA ASN A 134 -5.05 -18.89 22.59
C ASN A 134 -3.65 -18.32 22.35
N THR A 135 -2.62 -19.17 22.23
CA THR A 135 -1.22 -18.63 22.19
C THR A 135 -0.38 -18.96 20.90
N GLY A 136 -0.98 -19.74 19.97
CA GLY A 136 -0.35 -20.06 18.66
C GLY A 136 -0.73 -19.01 17.60
N LEU A 137 -0.89 -19.45 16.36
CA LEU A 137 -1.34 -18.50 15.23
C LEU A 137 -2.51 -17.59 15.60
N THR A 138 -2.32 -16.26 15.58
CA THR A 138 -3.43 -15.34 15.41
C THR A 138 -3.94 -15.49 13.94
N LEU A 139 -5.21 -15.90 13.75
CA LEU A 139 -5.78 -15.97 12.36
C LEU A 139 -6.75 -14.88 12.32
N ASN A 140 -6.48 -13.88 11.48
CA ASN A 140 -7.35 -12.72 11.31
C ASN A 140 -8.14 -12.85 10.02
N ILE A 141 -9.47 -12.85 10.12
CA ILE A 141 -10.30 -13.06 8.90
C ILE A 141 -10.95 -11.72 8.63
N ALA A 142 -10.70 -11.13 7.47
CA ALA A 142 -11.36 -9.86 7.15
C ALA A 142 -12.86 -10.11 6.91
N ALA A 143 -13.69 -9.16 7.30
CA ALA A 143 -15.12 -9.29 7.03
C ALA A 143 -15.67 -7.88 7.05
N ASN A 144 -16.07 -7.40 5.88
CA ASN A 144 -16.51 -6.04 5.67
C ASN A 144 -15.41 -5.08 6.14
N TYR A 145 -14.21 -5.47 5.72
CA TYR A 145 -12.95 -4.79 6.04
C TYR A 145 -12.57 -3.92 4.86
N GLY A 146 -12.00 -2.75 5.12
CA GLY A 146 -11.36 -1.90 4.10
C GLY A 146 -10.22 -1.19 4.80
N GLY A 147 -9.09 -1.00 4.08
CA GLY A 147 -7.87 -0.43 4.64
C GLY A 147 -8.09 1.01 5.06
N ARG A 148 -8.85 1.75 4.24
CA ARG A 148 -9.22 3.18 4.56
C ARG A 148 -10.19 3.26 5.75
N TRP A 149 -11.27 2.48 5.72
CA TRP A 149 -12.13 2.27 6.92
C TRP A 149 -11.29 2.04 8.16
N ASP A 150 -10.28 1.16 8.04
CA ASP A 150 -9.40 0.74 9.18
C ASP A 150 -8.71 1.95 9.82
N ILE A 151 -8.02 2.70 8.97
CA ILE A 151 -7.45 3.98 9.29
C ILE A 151 -8.53 4.94 9.83
N VAL A 152 -9.69 5.00 9.19
CA VAL A 152 -10.77 5.90 9.62
C VAL A 152 -11.23 5.64 11.06
N GLN A 153 -11.35 4.38 11.47
CA GLN A 153 -11.74 4.05 12.82
C GLN A 153 -10.68 4.34 13.88
N GLY A 154 -9.40 4.27 13.50
CA GLY A 154 -8.32 4.34 14.49
C GLY A 154 -8.31 5.80 14.83
N VAL A 155 -8.55 6.60 13.78
CA VAL A 155 -8.65 8.03 13.86
C VAL A 155 -9.71 8.40 14.88
N ARG A 156 -10.88 7.78 14.77
CA ARG A 156 -11.98 8.04 15.69
C ARG A 156 -11.63 7.66 17.12
N GLN A 157 -10.91 6.57 17.36
CA GLN A 157 -10.50 6.25 18.73
C GLN A 157 -9.63 7.40 19.26
N LEU A 158 -8.82 8.00 18.37
CA LEU A 158 -7.96 9.14 18.73
C LEU A 158 -8.74 10.43 18.92
N ALA A 159 -9.73 10.69 18.05
CA ALA A 159 -10.61 11.87 18.23
C ALA A 159 -11.47 11.79 19.53
N GLU A 160 -12.20 10.68 19.76
CA GLU A 160 -12.77 10.48 21.09
C GLU A 160 -11.71 10.92 22.11
N LYS A 161 -10.59 10.20 22.21
CA LYS A 161 -9.55 10.47 23.19
C LYS A 161 -9.11 11.90 23.33
N VAL A 162 -9.11 12.65 22.22
CA VAL A 162 -8.81 14.09 22.27
C VAL A 162 -9.95 14.83 22.94
N GLN A 163 -11.18 14.59 22.51
CA GLN A 163 -12.37 15.22 23.12
C GLN A 163 -12.51 15.05 24.65
N GLN A 164 -12.16 13.88 25.17
CA GLN A 164 -12.03 13.72 26.61
C GLN A 164 -10.75 14.21 27.21
N GLY A 165 -10.08 15.06 26.51
CA GLY A 165 -8.88 15.77 27.00
C GLY A 165 -7.82 14.87 27.58
N GLN A 168 -3.87 15.44 23.49
CA GLN A 168 -3.46 16.63 22.74
C GLN A 168 -3.22 16.30 21.24
N PRO A 169 -3.73 17.13 20.29
CA PRO A 169 -3.38 16.93 18.86
C PRO A 169 -1.87 16.88 18.56
N ASP A 170 -1.14 17.94 18.91
CA ASP A 170 0.29 18.02 18.68
C ASP A 170 0.97 16.70 19.00
N GLN A 171 0.42 15.94 19.94
CA GLN A 171 1.04 14.66 20.35
C GLN A 171 0.88 13.46 19.41
N ILE A 172 -0.08 13.54 18.48
CA ILE A 172 -0.45 12.45 17.54
C ILE A 172 0.68 12.09 16.58
N ASP A 173 1.32 10.95 16.79
CA ASP A 173 2.41 10.57 15.93
C ASP A 173 2.14 9.20 15.27
N GLU A 174 2.96 8.84 14.29
CA GLU A 174 2.78 7.58 13.60
C GLU A 174 2.69 6.38 14.57
N GLU A 175 3.52 6.37 15.63
CA GLU A 175 3.44 5.28 16.60
C GLU A 175 2.03 5.17 17.18
N MET A 176 1.33 6.30 17.24
CA MET A 176 0.13 6.36 18.02
C MET A 176 -1.10 5.90 17.26
N LEU A 177 -1.41 6.57 16.13
CA LEU A 177 -2.42 6.11 15.18
C LEU A 177 -2.17 4.64 14.88
N ASN A 178 -0.90 4.32 14.75
CA ASN A 178 -0.49 2.97 14.56
C ASN A 178 -0.87 1.99 15.70
N GLN A 179 -1.00 2.54 16.90
CA GLN A 179 -1.53 1.78 18.04
C GLN A 179 -3.00 1.49 17.87
N HIS A 180 -3.71 2.30 17.11
CA HIS A 180 -5.17 2.18 16.95
C HIS A 180 -5.74 1.63 15.65
N VAL A 181 -4.88 1.13 14.77
CA VAL A 181 -5.35 0.55 13.52
C VAL A 181 -5.44 -0.95 13.80
N CYS A 182 -6.25 -1.69 13.05
CA CYS A 182 -6.36 -3.12 13.32
C CYS A 182 -5.01 -3.79 13.33
N MET A 183 -4.95 -4.85 14.12
CA MET A 183 -3.78 -5.71 14.37
C MET A 183 -2.51 -5.04 14.97
N HIS A 184 -2.66 -3.89 15.61
CA HIS A 184 -1.49 -3.12 16.16
C HIS A 184 -0.70 -3.91 17.13
N GLU A 185 -1.23 -5.04 17.59
CA GLU A 185 -0.60 -5.85 18.61
C GLU A 185 0.08 -7.12 18.08
N LEU A 186 -0.08 -7.39 16.79
CA LEU A 186 0.68 -8.50 16.15
C LEU A 186 1.98 -7.94 15.61
N ALA A 187 2.90 -8.81 15.28
CA ALA A 187 4.10 -8.52 14.48
C ALA A 187 3.72 -7.73 13.22
N PRO A 188 4.63 -6.84 12.75
CA PRO A 188 4.25 -6.14 11.51
C PRO A 188 3.99 -7.11 10.31
N VAL A 189 3.12 -6.71 9.38
CA VAL A 189 2.85 -7.55 8.24
C VAL A 189 4.15 -7.69 7.44
N ASP A 190 4.67 -8.89 7.24
CA ASP A 190 5.93 -9.06 6.50
C ASP A 190 5.71 -9.22 5.00
N LEU A 191 4.64 -9.97 4.65
CA LEU A 191 4.44 -10.51 3.30
C LEU A 191 2.93 -10.46 2.95
N VAL A 192 2.57 -9.77 1.89
CA VAL A 192 1.16 -9.84 1.30
C VAL A 192 1.25 -10.66 0.04
N ILE A 193 0.54 -11.77 0.06
CA ILE A 193 0.32 -12.58 -1.10
C ILE A 193 -0.99 -12.19 -1.82
N ARG A 194 -0.91 -11.94 -3.14
CA ARG A 194 -2.20 -11.92 -3.90
C ARG A 194 -2.26 -12.94 -5.03
N THR A 195 -3.24 -13.85 -4.95
CA THR A 195 -3.35 -14.89 -5.95
C THR A 195 -4.35 -14.34 -7.04
N GLY A 196 -4.51 -15.00 -8.17
CA GLY A 196 -5.59 -14.57 -9.10
C GLY A 196 -5.10 -13.70 -10.24
N GLY A 197 -3.84 -13.26 -10.23
CA GLY A 197 -3.30 -12.41 -11.31
C GLY A 197 -3.45 -10.90 -11.28
N GLU A 198 -4.32 -10.34 -10.44
CA GLU A 198 -4.34 -8.89 -10.36
C GLU A 198 -3.20 -8.33 -9.48
N HIS A 199 -2.75 -7.14 -9.79
CA HIS A 199 -1.66 -6.51 -9.12
C HIS A 199 -1.86 -5.50 -8.04
N ARG A 200 -3.09 -5.31 -7.63
CA ARG A 200 -3.39 -4.28 -6.65
C ARG A 200 -3.78 -4.71 -5.27
N ILE A 201 -3.93 -3.76 -4.38
CA ILE A 201 -4.26 -4.01 -2.96
C ILE A 201 -5.79 -4.08 -2.76
N SER A 202 -6.52 -3.44 -3.66
CA SER A 202 -8.00 -3.41 -3.61
C SER A 202 -8.50 -3.05 -2.25
N ASN A 203 -7.87 -2.05 -1.62
CA ASN A 203 -8.32 -1.52 -0.34
C ASN A 203 -8.37 -2.58 0.78
N PHE A 204 -7.45 -3.54 0.70
CA PHE A 204 -7.11 -4.40 1.85
C PHE A 204 -6.08 -3.53 2.62
N LEU A 205 -5.32 -4.09 3.56
CA LEU A 205 -4.41 -3.31 4.38
C LEU A 205 -3.67 -2.21 3.65
N LEU A 206 -3.76 -0.97 4.11
CA LEU A 206 -2.98 0.14 3.61
C LEU A 206 -1.97 0.82 4.54
N TRP A 207 -2.31 0.93 5.82
CA TRP A 207 -1.36 1.47 6.79
C TRP A 207 -0.35 0.41 7.09
N GLN A 208 -0.86 -0.77 7.33
CA GLN A 208 -0.07 -1.91 7.72
C GLN A 208 0.89 -2.48 6.67
N ILE A 209 0.78 -2.09 5.42
CA ILE A 209 1.68 -2.70 4.46
C ILE A 209 2.81 -1.76 4.03
N ALA A 210 3.03 -0.67 4.76
CA ALA A 210 4.06 0.30 4.38
C ALA A 210 5.41 -0.31 4.07
N TYR A 211 5.72 -1.47 4.64
CA TYR A 211 7.10 -1.99 4.51
C TYR A 211 7.06 -3.39 4.11
N ALA A 212 5.84 -3.90 3.88
CA ALA A 212 5.69 -5.30 3.60
C ALA A 212 6.18 -5.73 2.20
N GLU A 213 6.71 -6.94 2.15
CA GLU A 213 7.00 -7.55 0.86
C GLU A 213 5.66 -7.89 0.10
N LEU A 214 5.61 -7.61 -1.21
CA LEU A 214 4.39 -7.78 -1.99
C LEU A 214 4.57 -8.90 -3.00
N TYR A 215 3.75 -9.94 -2.94
CA TYR A 215 3.99 -11.06 -3.81
C TYR A 215 2.71 -11.39 -4.57
N PHE A 216 2.77 -11.25 -5.90
CA PHE A 216 1.60 -11.44 -6.79
C PHE A 216 1.80 -12.72 -7.56
N THR A 217 0.80 -13.60 -7.58
CA THR A 217 1.00 -14.82 -8.36
C THR A 217 -0.24 -15.01 -9.22
N ASP A 218 -0.10 -15.62 -10.41
CA ASP A 218 -1.25 -15.84 -11.31
C ASP A 218 -2.03 -17.06 -10.81
N VAL A 219 -1.43 -17.88 -9.96
CA VAL A 219 -2.17 -19.03 -9.45
C VAL A 219 -3.50 -18.57 -8.88
N LEU A 220 -4.57 -19.25 -9.27
CA LEU A 220 -5.89 -18.94 -8.72
C LEU A 220 -6.04 -19.47 -7.29
N TRP A 221 -6.74 -18.75 -6.43
CA TRP A 221 -6.91 -19.19 -5.06
C TRP A 221 -7.20 -20.65 -4.83
N PRO A 222 -8.15 -21.27 -5.52
CA PRO A 222 -8.37 -22.69 -5.21
C PRO A 222 -7.19 -23.67 -5.54
N ASP A 223 -6.29 -23.28 -6.45
CA ASP A 223 -5.08 -24.04 -6.73
C ASP A 223 -3.89 -23.70 -5.87
N PHE A 224 -3.95 -22.62 -5.04
CA PHE A 224 -2.77 -22.22 -4.31
C PHE A 224 -2.54 -23.22 -3.16
N ASP A 225 -1.40 -23.87 -3.22
CA ASP A 225 -1.13 -24.95 -2.28
C ASP A 225 0.17 -24.76 -1.54
N GLU A 226 0.52 -25.78 -0.75
CA GLU A 226 1.66 -25.71 0.15
C GLU A 226 2.96 -25.31 -0.52
N GLN A 227 3.19 -25.84 -1.71
CA GLN A 227 4.40 -25.46 -2.47
C GLN A 227 4.32 -24.00 -2.85
N ASP A 228 3.13 -23.56 -3.31
CA ASP A 228 2.94 -22.14 -3.70
C ASP A 228 3.24 -21.22 -2.51
N PHE A 229 2.71 -21.60 -1.35
CA PHE A 229 2.90 -20.87 -0.12
C PHE A 229 4.42 -20.95 0.20
N GLU A 230 5.03 -22.14 0.03
CA GLU A 230 6.53 -22.26 0.11
C GLU A 230 7.24 -21.27 -0.81
N GLY A 231 6.89 -21.32 -2.10
CA GLY A 231 7.33 -20.32 -3.08
C GLY A 231 7.25 -18.89 -2.57
N ALA A 232 6.09 -18.53 -1.99
CA ALA A 232 5.96 -17.15 -1.49
C ALA A 232 6.95 -16.86 -0.36
N LEU A 233 7.01 -17.75 0.64
CA LEU A 233 7.89 -17.53 1.81
C LEU A 233 9.38 -17.51 1.39
N ASN A 234 9.73 -18.44 0.51
CA ASN A 234 11.12 -18.50 -0.01
C ASN A 234 11.44 -17.27 -0.85
N ALA A 235 10.41 -16.63 -1.39
CA ALA A 235 10.61 -15.33 -2.01
C ALA A 235 10.80 -14.18 -1.00
N PHE A 236 10.06 -14.14 0.11
CA PHE A 236 10.38 -13.12 1.15
C PHE A 236 11.77 -13.37 1.75
N ALA A 237 12.18 -14.63 1.86
CA ALA A 237 13.48 -14.94 2.48
C ALA A 237 14.63 -14.65 1.50
N ASN A 238 14.50 -15.15 0.26
CA ASN A 238 15.56 -15.01 -0.78
C ASN A 238 15.70 -13.57 -1.22
N ARG A 239 14.85 -12.73 -0.67
CA ARG A 239 14.78 -11.35 -1.08
C ARG A 239 14.86 -10.48 0.13
N GLY B 17 -7.78 4.50 -19.53
CA GLY B 17 -7.13 5.84 -19.43
C GLY B 17 -6.32 5.93 -18.14
N CYS B 18 -5.01 5.77 -18.27
CA CYS B 18 -4.13 6.06 -17.17
C CYS B 18 -3.91 7.54 -16.98
N ARG B 19 -4.39 8.09 -15.88
CA ARG B 19 -4.39 9.55 -15.66
C ARG B 19 -3.30 10.09 -14.70
N HIS B 20 -2.98 9.31 -13.69
CA HIS B 20 -2.03 9.68 -12.66
C HIS B 20 -1.09 8.52 -12.37
N VAL B 21 0.19 8.72 -12.62
CA VAL B 21 1.22 7.71 -12.39
C VAL B 21 2.12 8.17 -11.29
N ALA B 22 2.56 7.22 -10.46
CA ALA B 22 3.46 7.48 -9.36
C ALA B 22 4.60 6.47 -9.52
N ILE B 23 5.82 6.95 -9.32
CA ILE B 23 7.02 6.13 -9.54
C ILE B 23 7.94 6.21 -8.29
N ILE B 24 8.25 5.05 -7.76
CA ILE B 24 9.36 4.81 -6.81
C ILE B 24 10.64 4.62 -7.61
N MET B 25 11.50 5.59 -7.54
CA MET B 25 12.63 5.70 -8.49
C MET B 25 13.88 5.04 -7.96
N ASP B 26 13.84 3.73 -7.77
CA ASP B 26 14.91 3.09 -7.04
C ASP B 26 16.01 2.53 -7.99
N GLY B 27 17.26 2.50 -7.48
CA GLY B 27 18.33 1.80 -8.12
C GLY B 27 19.46 2.62 -8.73
N ASN B 28 19.52 3.92 -8.43
CA ASN B 28 20.64 4.77 -8.83
C ASN B 28 22.03 4.29 -8.34
N GLY B 29 22.09 3.96 -7.08
CA GLY B 29 23.30 3.39 -6.46
C GLY B 29 23.71 2.01 -7.01
N ARG B 30 22.78 1.06 -7.01
CA ARG B 30 23.02 -0.26 -7.67
C ARG B 30 23.50 -0.04 -9.14
N TRP B 31 22.93 0.92 -9.79
CA TRP B 31 23.36 1.30 -11.10
C TRP B 31 24.75 1.84 -11.09
N ALA B 32 25.07 2.71 -10.15
CA ALA B 32 26.45 3.29 -10.10
C ALA B 32 27.56 2.22 -9.90
N LYS B 33 27.41 1.45 -8.84
CA LYS B 33 28.23 0.30 -8.54
C LYS B 33 28.34 -0.67 -9.70
N LYS B 34 27.25 -0.91 -10.43
CA LYS B 34 27.24 -1.85 -11.55
C LYS B 34 28.06 -1.29 -12.69
N GLN B 35 28.03 0.03 -12.85
CA GLN B 35 28.83 0.68 -13.87
C GLN B 35 30.29 0.95 -13.39
N GLY B 36 30.64 0.59 -12.16
CA GLY B 36 31.99 0.93 -11.63
C GLY B 36 32.20 2.42 -11.31
N LYS B 37 31.17 3.11 -10.83
CA LYS B 37 31.23 4.54 -10.66
C LYS B 37 30.85 4.89 -9.25
N ILE B 38 31.15 6.13 -8.88
CA ILE B 38 30.78 6.67 -7.58
C ILE B 38 29.27 6.96 -7.58
N ARG B 39 28.67 6.83 -6.40
CA ARG B 39 27.24 7.13 -6.16
C ARG B 39 26.74 8.39 -6.92
N ALA B 40 27.50 9.48 -6.85
CA ALA B 40 27.12 10.72 -7.50
C ALA B 40 26.89 10.55 -9.00
N PHE B 41 27.61 9.62 -9.62
CA PHE B 41 27.38 9.34 -11.04
C PHE B 41 26.01 8.74 -11.28
N GLY B 42 25.57 7.84 -10.40
CA GLY B 42 24.24 7.18 -10.53
C GLY B 42 23.15 8.22 -10.30
N HIS B 43 23.38 9.12 -9.32
CA HIS B 43 22.45 10.25 -9.12
C HIS B 43 22.32 11.15 -10.31
N LYS B 44 23.39 11.35 -11.06
CA LYS B 44 23.30 12.19 -12.23
C LYS B 44 22.61 11.49 -13.40
N ALA B 45 22.87 10.19 -13.54
CA ALA B 45 22.14 9.40 -14.56
C ALA B 45 20.65 9.27 -14.15
N GLY B 46 20.37 9.21 -12.85
CA GLY B 46 18.97 9.19 -12.42
C GLY B 46 18.22 10.49 -12.75
N ALA B 47 18.89 11.63 -12.55
CA ALA B 47 18.34 12.92 -12.97
C ALA B 47 18.04 13.03 -14.46
N LYS B 48 18.90 12.47 -15.30
CA LYS B 48 18.49 12.33 -16.74
C LYS B 48 17.24 11.46 -16.90
N SER B 49 17.10 10.44 -16.09
CA SER B 49 15.98 9.54 -16.27
C SER B 49 14.70 10.26 -15.83
N VAL B 50 14.81 11.14 -14.84
CA VAL B 50 13.66 11.98 -14.42
C VAL B 50 13.22 12.90 -15.59
N ARG B 51 14.15 13.50 -16.34
CA ARG B 51 13.75 14.42 -17.43
C ARG B 51 13.04 13.66 -18.53
N ARG B 52 13.62 12.52 -18.89
CA ARG B 52 12.98 11.59 -19.83
C ARG B 52 11.56 11.18 -19.37
N ALA B 53 11.38 10.82 -18.11
CA ALA B 53 10.07 10.34 -17.65
C ALA B 53 9.02 11.50 -17.66
N VAL B 54 9.46 12.66 -17.22
CA VAL B 54 8.63 13.87 -17.25
C VAL B 54 8.18 14.22 -18.67
N SER B 55 9.11 14.32 -19.57
CA SER B 55 8.83 14.60 -20.92
C SER B 55 7.87 13.57 -21.52
N PHE B 56 8.15 12.31 -21.32
CA PHE B 56 7.32 11.23 -21.81
C PHE B 56 5.90 11.31 -21.23
N ALA B 57 5.73 11.51 -19.93
CA ALA B 57 4.37 11.60 -19.41
C ALA B 57 3.64 12.80 -19.99
N ALA B 58 4.35 13.89 -20.21
CA ALA B 58 3.67 15.17 -20.57
C ALA B 58 3.23 15.04 -22.02
N ASN B 59 4.09 14.42 -22.83
CA ASN B 59 3.77 14.16 -24.26
C ASN B 59 2.76 13.07 -24.52
N ASN B 60 2.45 12.29 -23.49
CA ASN B 60 1.49 11.24 -23.64
C ASN B 60 0.19 11.50 -22.94
N GLY B 61 -0.05 12.77 -22.58
CA GLY B 61 -1.35 13.14 -22.04
C GLY B 61 -1.64 12.62 -20.65
N ILE B 62 -0.58 12.28 -19.88
CA ILE B 62 -0.85 11.84 -18.48
C ILE B 62 -1.15 13.13 -17.70
N GLU B 63 -2.14 13.17 -16.79
CA GLU B 63 -2.41 14.42 -16.04
C GLU B 63 -1.48 14.67 -14.83
N ALA B 64 -1.04 13.59 -14.18
CA ALA B 64 -0.20 13.80 -13.02
C ALA B 64 0.87 12.71 -12.94
N LEU B 65 2.09 13.13 -12.64
CA LEU B 65 3.22 12.24 -12.45
C LEU B 65 3.73 12.58 -11.02
N THR B 66 3.82 11.61 -10.13
CA THR B 66 4.28 11.85 -8.77
C THR B 66 5.52 10.97 -8.56
N LEU B 67 6.64 11.61 -8.25
CA LEU B 67 7.99 10.93 -8.26
C LEU B 67 8.55 10.82 -6.84
N TYR B 68 8.91 9.61 -6.45
CA TYR B 68 9.49 9.42 -5.11
C TYR B 68 10.93 8.97 -5.24
N ALA B 69 11.84 9.81 -4.79
CA ALA B 69 13.29 9.55 -4.80
C ALA B 69 13.59 8.72 -3.59
N PHE B 70 13.93 7.47 -3.82
CA PHE B 70 14.25 6.50 -2.77
C PHE B 70 15.56 5.88 -3.21
N SER B 71 16.23 5.16 -2.34
CA SER B 71 17.22 4.17 -2.72
C SER B 71 17.36 3.13 -1.64
N ALA B 84 18.30 14.97 4.50
CA ALA B 84 19.70 14.58 4.31
C ALA B 84 20.10 14.83 2.83
N LEU B 85 20.22 13.73 2.08
CA LEU B 85 20.33 13.80 0.62
C LEU B 85 19.05 14.41 -0.06
N MET B 86 17.99 14.63 0.76
CA MET B 86 16.65 15.08 0.26
C MET B 86 16.64 16.54 -0.18
N GLU B 87 17.41 17.36 0.54
CA GLU B 87 17.53 18.78 0.26
C GLU B 87 18.38 18.96 -0.99
N LEU B 88 19.31 18.03 -1.18
CA LEU B 88 20.20 18.07 -2.32
C LEU B 88 19.44 17.76 -3.64
N PHE B 89 18.56 16.78 -3.61
CA PHE B 89 17.67 16.49 -4.73
C PHE B 89 16.75 17.67 -5.13
N VAL B 90 16.03 18.25 -4.18
CA VAL B 90 15.23 19.48 -4.44
C VAL B 90 16.11 20.65 -4.94
N TRP B 91 17.35 20.76 -4.48
CA TRP B 91 18.25 21.79 -5.04
C TRP B 91 18.47 21.59 -6.50
N ALA B 92 18.75 20.34 -6.90
CA ALA B 92 18.98 20.05 -8.32
C ALA B 92 17.71 20.42 -9.14
N LEU B 93 16.55 20.23 -8.54
CA LEU B 93 15.30 20.55 -9.23
C LEU B 93 15.22 22.06 -9.51
N ASP B 94 15.53 22.85 -8.49
CA ASP B 94 15.42 24.32 -8.55
C ASP B 94 15.89 24.86 -9.87
N SER B 95 17.01 24.32 -10.38
CA SER B 95 17.57 24.88 -11.62
C SER B 95 16.99 24.31 -12.91
N GLU B 96 15.88 23.58 -12.83
CA GLU B 96 15.16 23.09 -14.01
C GLU B 96 13.77 23.69 -14.02
N VAL B 97 13.50 24.63 -13.12
CA VAL B 97 12.10 25.12 -12.94
C VAL B 97 11.67 25.94 -14.15
N LYS B 98 12.62 26.73 -14.68
CA LYS B 98 12.32 27.51 -15.88
C LYS B 98 11.86 26.60 -17.03
N SER B 99 12.56 25.49 -17.23
CA SER B 99 12.16 24.58 -18.32
C SER B 99 10.83 23.92 -18.04
N LEU B 100 10.57 23.52 -16.79
CA LEU B 100 9.24 22.96 -16.48
C LEU B 100 8.16 23.94 -16.81
N HIS B 101 8.44 25.22 -16.50
CA HIS B 101 7.48 26.31 -16.67
C HIS B 101 7.20 26.52 -18.11
N ARG B 102 8.25 26.62 -18.92
CA ARG B 102 8.08 26.78 -20.37
C ARG B 102 7.34 25.62 -21.02
N HIS B 103 7.30 24.50 -20.33
CA HIS B 103 6.71 23.32 -20.86
C HIS B 103 5.38 23.14 -20.30
N ASN B 104 4.90 24.17 -19.62
CA ASN B 104 3.51 24.22 -19.11
C ASN B 104 3.19 23.18 -18.01
N VAL B 105 4.22 22.84 -17.25
CA VAL B 105 4.09 21.83 -16.19
C VAL B 105 3.83 22.59 -14.87
N ARG B 106 2.85 22.17 -14.10
CA ARG B 106 2.68 22.65 -12.73
C ARG B 106 3.45 21.76 -11.73
N LEU B 107 4.28 22.42 -10.92
CA LEU B 107 5.21 21.74 -10.04
C LEU B 107 4.67 21.80 -8.59
N ARG B 108 4.56 20.67 -7.92
CA ARG B 108 4.22 20.74 -6.51
C ARG B 108 5.16 19.84 -5.76
N ILE B 109 5.48 20.26 -4.54
CA ILE B 109 6.36 19.43 -3.76
C ILE B 109 5.51 18.82 -2.65
N ILE B 110 5.64 17.53 -2.42
CA ILE B 110 4.82 16.94 -1.35
C ILE B 110 5.76 16.30 -0.33
N GLY B 111 5.47 16.53 0.95
CA GLY B 111 6.36 15.95 1.95
C GLY B 111 6.65 16.93 3.06
N ASP B 112 7.44 16.53 4.04
CA ASP B 112 7.64 17.45 5.12
C ASP B 112 8.83 18.37 4.88
N THR B 113 8.55 19.59 4.46
CA THR B 113 9.62 20.53 4.09
C THR B 113 9.89 21.61 5.15
N SER B 114 9.08 21.53 6.21
CA SER B 114 9.02 22.56 7.21
C SER B 114 10.35 22.70 7.99
N ARG B 115 11.11 21.62 8.12
CA ARG B 115 12.50 21.72 8.65
C ARG B 115 13.62 21.89 7.56
N PHE B 116 13.23 22.22 6.33
CA PHE B 116 14.21 22.55 5.28
C PHE B 116 14.84 23.95 5.45
N ASN B 117 16.08 24.13 5.08
CA ASN B 117 16.63 25.46 5.14
C ASN B 117 15.62 26.46 4.63
N SER B 118 15.54 27.66 5.17
CA SER B 118 14.40 28.53 4.80
C SER B 118 14.53 29.20 3.43
N ARG B 119 15.76 29.23 2.91
CA ARG B 119 15.95 29.77 1.58
C ARG B 119 15.38 28.75 0.56
N LEU B 120 15.62 27.47 0.82
CA LEU B 120 15.10 26.42 -0.03
C LEU B 120 13.55 26.45 0.03
N GLN B 121 12.95 26.65 1.22
CA GLN B 121 11.49 26.68 1.37
C GLN B 121 10.89 27.83 0.59
N GLU B 122 11.62 28.93 0.51
CA GLU B 122 11.11 30.09 -0.20
C GLU B 122 11.27 29.83 -1.70
N ARG B 123 12.32 29.11 -2.10
CA ARG B 123 12.43 28.72 -3.48
C ARG B 123 11.34 27.76 -3.96
N ILE B 124 11.01 26.81 -3.10
CA ILE B 124 9.87 25.91 -3.32
C ILE B 124 8.65 26.80 -3.49
N ARG B 125 8.37 27.66 -2.52
CA ARG B 125 7.19 28.51 -2.61
C ARG B 125 7.16 29.34 -3.88
N LYS B 126 8.29 29.92 -4.29
CA LYS B 126 8.27 30.68 -5.55
C LYS B 126 8.02 29.79 -6.77
N SER B 127 8.58 28.58 -6.78
CA SER B 127 8.55 27.75 -7.99
C SER B 127 7.14 27.22 -8.18
N GLU B 128 6.54 26.79 -7.07
CA GLU B 128 5.13 26.39 -7.05
C GLU B 128 4.23 27.56 -7.46
N ALA B 129 4.48 28.76 -6.93
CA ALA B 129 3.67 29.96 -7.36
C ALA B 129 3.82 30.29 -8.80
N LEU B 130 5.06 30.23 -9.28
CA LEU B 130 5.30 30.49 -10.66
C LEU B 130 4.54 29.56 -11.62
N THR B 131 4.41 28.26 -11.28
CA THR B 131 3.85 27.30 -12.26
C THR B 131 2.45 26.94 -11.86
N ALA B 132 1.92 27.57 -10.80
CA ALA B 132 0.61 27.09 -10.28
C ALA B 132 -0.60 27.18 -11.24
N GLY B 133 -0.57 28.12 -12.16
CA GLY B 133 -1.64 28.20 -13.17
C GLY B 133 -1.38 27.42 -14.44
N ASN B 134 -0.27 26.69 -14.48
CA ASN B 134 0.10 25.91 -15.70
C ASN B 134 -0.88 24.78 -15.97
N THR B 135 -1.18 24.53 -17.25
CA THR B 135 -2.30 23.63 -17.49
C THR B 135 -1.86 22.23 -18.05
N GLY B 136 -0.55 21.99 -18.21
CA GLY B 136 -0.12 20.70 -18.68
C GLY B 136 -0.06 19.68 -17.55
N LEU B 137 1.07 18.99 -17.49
CA LEU B 137 1.33 17.93 -16.54
C LEU B 137 1.41 18.54 -15.12
N THR B 138 0.71 17.94 -14.17
CA THR B 138 1.05 18.19 -12.77
C THR B 138 2.19 17.23 -12.30
N LEU B 139 3.36 17.76 -11.99
CA LEU B 139 4.46 16.99 -11.43
C LEU B 139 4.57 17.21 -9.93
N ASN B 140 4.29 16.18 -9.14
CA ASN B 140 4.54 16.26 -7.72
C ASN B 140 5.84 15.53 -7.42
N ILE B 141 6.73 16.23 -6.73
CA ILE B 141 8.01 15.69 -6.28
C ILE B 141 7.88 15.40 -4.80
N ALA B 142 7.99 14.12 -4.45
CA ALA B 142 7.88 13.69 -3.05
C ALA B 142 9.20 13.90 -2.35
N ALA B 143 9.29 14.92 -1.47
CA ALA B 143 10.54 15.24 -0.76
C ALA B 143 10.40 15.13 0.76
N ASN B 144 11.14 14.24 1.43
CA ASN B 144 10.87 13.98 2.85
C ASN B 144 9.39 13.67 3.07
N TYR B 145 8.88 12.78 2.25
CA TYR B 145 7.50 12.37 2.26
C TYR B 145 7.46 11.01 2.86
N GLY B 146 6.39 10.69 3.59
CA GLY B 146 6.07 9.26 3.95
C GLY B 146 4.54 9.08 3.85
N GLY B 147 4.04 7.93 3.36
CA GLY B 147 2.58 7.69 3.30
C GLY B 147 1.89 7.80 4.67
N ARG B 148 2.54 7.26 5.70
CA ARG B 148 2.10 7.35 7.11
C ARG B 148 2.13 8.76 7.63
N TRP B 149 3.24 9.46 7.35
CA TRP B 149 3.35 10.89 7.65
C TRP B 149 2.19 11.67 7.10
N ASP B 150 1.92 11.46 5.81
CA ASP B 150 0.86 12.14 5.03
C ASP B 150 -0.48 12.01 5.69
N ILE B 151 -0.83 10.78 6.06
CA ILE B 151 -2.07 10.50 6.76
C ILE B 151 -2.03 11.12 8.19
N VAL B 152 -0.89 11.03 8.88
CA VAL B 152 -0.83 11.48 10.27
C VAL B 152 -0.86 12.99 10.32
N GLN B 153 -0.45 13.66 9.25
CA GLN B 153 -0.62 15.09 9.20
C GLN B 153 -2.08 15.46 8.94
N GLY B 154 -2.81 14.66 8.15
CA GLY B 154 -4.28 14.87 7.98
C GLY B 154 -5.05 14.59 9.29
N VAL B 155 -4.58 13.60 10.02
CA VAL B 155 -5.14 13.26 11.34
C VAL B 155 -4.75 14.29 12.42
N ARG B 156 -3.68 15.05 12.20
CA ARG B 156 -3.30 16.16 13.12
C ARG B 156 -4.38 17.20 12.96
N GLN B 157 -4.66 17.53 11.69
CA GLN B 157 -5.59 18.56 11.31
C GLN B 157 -6.96 18.33 11.88
N LEU B 158 -7.56 17.18 11.55
CA LEU B 158 -8.97 17.01 11.88
C LEU B 158 -9.14 17.11 13.40
N ALA B 159 -8.21 16.53 14.15
CA ALA B 159 -8.19 16.50 15.62
C ALA B 159 -7.96 17.86 16.30
N GLU B 160 -7.18 18.73 15.67
CA GLU B 160 -7.08 20.13 16.08
C GLU B 160 -8.45 20.84 16.05
N LYS B 161 -9.44 20.16 15.47
CA LYS B 161 -10.84 20.59 15.52
C LYS B 161 -11.82 19.69 16.29
N LEU B 167 -15.34 19.60 15.02
CA LEU B 167 -16.39 18.73 14.53
C LEU B 167 -16.38 17.45 15.33
N GLN B 168 -17.37 16.60 15.15
CA GLN B 168 -17.50 15.50 16.14
C GLN B 168 -16.83 14.19 15.64
N PRO B 169 -16.24 13.39 16.55
CA PRO B 169 -15.63 12.14 16.09
C PRO B 169 -16.51 11.41 15.05
N ASP B 170 -17.76 11.10 15.43
CA ASP B 170 -18.76 10.44 14.57
C ASP B 170 -18.88 10.93 13.12
N GLN B 171 -18.45 12.15 12.84
CA GLN B 171 -18.71 12.69 11.51
C GLN B 171 -17.50 12.55 10.53
N ILE B 172 -16.32 12.22 11.09
CA ILE B 172 -15.09 11.89 10.33
C ILE B 172 -15.25 10.56 9.56
N ASP B 173 -15.12 10.62 8.24
CA ASP B 173 -15.23 9.40 7.45
C ASP B 173 -14.29 9.44 6.22
N GLU B 174 -14.16 8.32 5.52
CA GLU B 174 -13.31 8.25 4.30
C GLU B 174 -13.27 9.52 3.47
N GLU B 175 -14.42 10.00 2.97
CA GLU B 175 -14.42 11.20 2.08
C GLU B 175 -13.72 12.39 2.73
N MET B 176 -13.79 12.50 4.05
CA MET B 176 -13.24 13.60 4.77
C MET B 176 -11.77 13.45 5.11
N LEU B 177 -11.35 12.26 5.51
CA LEU B 177 -9.91 12.08 5.72
C LEU B 177 -9.19 12.33 4.40
N ASN B 178 -9.82 11.92 3.31
CA ASN B 178 -9.31 12.08 1.96
C ASN B 178 -8.98 13.53 1.64
N GLN B 179 -9.86 14.40 2.12
CA GLN B 179 -9.77 15.85 1.95
C GLN B 179 -8.53 16.45 2.53
N HIS B 180 -7.91 15.76 3.46
CA HIS B 180 -6.71 16.31 4.04
C HIS B 180 -5.40 15.76 3.47
N VAL B 181 -5.36 14.47 3.16
CA VAL B 181 -4.17 13.81 2.58
C VAL B 181 -3.70 14.42 1.25
N CYS B 182 -2.39 14.32 0.96
CA CYS B 182 -1.87 14.94 -0.24
C CYS B 182 -2.51 14.45 -1.49
N MET B 183 -2.59 15.39 -2.42
CA MET B 183 -2.99 15.23 -3.81
C MET B 183 -4.48 15.01 -3.96
N HIS B 184 -5.24 15.26 -2.91
CA HIS B 184 -6.71 15.05 -2.97
C HIS B 184 -7.43 15.81 -4.03
N GLU B 185 -6.86 16.89 -4.54
CA GLU B 185 -7.51 17.65 -5.63
C GLU B 185 -7.29 17.04 -7.01
N LEU B 186 -6.28 16.17 -7.15
CA LEU B 186 -5.88 15.57 -8.45
C LEU B 186 -6.59 14.24 -8.76
N ALA B 187 -6.69 13.84 -10.04
CA ALA B 187 -7.07 12.45 -10.41
C ALA B 187 -6.45 11.32 -9.57
N PRO B 188 -7.29 10.42 -9.04
CA PRO B 188 -6.74 9.30 -8.29
C PRO B 188 -5.49 8.64 -8.90
N VAL B 189 -4.49 8.26 -8.08
CA VAL B 189 -3.35 7.43 -8.64
C VAL B 189 -3.83 6.15 -9.33
N ASP B 190 -3.56 6.02 -10.60
CA ASP B 190 -3.98 4.79 -11.35
C ASP B 190 -2.92 3.68 -11.37
N LEU B 191 -1.67 4.11 -11.40
CA LEU B 191 -0.57 3.17 -11.55
C LEU B 191 0.63 3.61 -10.70
N VAL B 192 1.22 2.66 -9.97
CA VAL B 192 2.48 2.87 -9.22
C VAL B 192 3.53 1.99 -9.88
N ILE B 193 4.57 2.59 -10.44
CA ILE B 193 5.73 1.89 -10.97
C ILE B 193 6.81 1.89 -9.87
N ARG B 194 7.44 0.74 -9.59
CA ARG B 194 8.72 0.74 -8.85
C ARG B 194 9.87 0.04 -9.60
N THR B 195 10.95 0.79 -9.86
CA THR B 195 12.09 0.33 -10.60
C THR B 195 13.05 -0.29 -9.55
N GLY B 196 14.11 -0.95 -10.01
CA GLY B 196 15.19 -1.28 -9.09
C GLY B 196 15.00 -2.69 -8.54
N GLY B 197 13.89 -3.34 -8.90
CA GLY B 197 13.63 -4.69 -8.48
C GLY B 197 13.15 -5.04 -7.05
N GLU B 198 12.97 -4.10 -6.12
CA GLU B 198 12.25 -4.50 -4.86
C GLU B 198 10.71 -4.48 -5.01
N HIS B 199 10.00 -5.30 -4.25
CA HIS B 199 8.57 -5.41 -4.34
C HIS B 199 8.04 -4.88 -3.02
N ARG B 200 7.93 -3.57 -2.87
CA ARG B 200 7.44 -2.92 -1.67
C ARG B 200 7.05 -1.52 -1.94
N ILE B 201 6.12 -0.99 -1.18
CA ILE B 201 5.81 0.45 -1.24
C ILE B 201 6.79 1.32 -0.48
N SER B 202 7.46 0.76 0.56
CA SER B 202 8.47 1.50 1.37
C SER B 202 7.91 2.79 1.86
N ASN B 203 6.69 2.76 2.39
CA ASN B 203 6.08 3.99 2.92
C ASN B 203 6.00 5.18 1.95
N PHE B 204 5.89 4.89 0.64
CA PHE B 204 5.45 5.94 -0.31
C PHE B 204 3.90 6.03 -0.15
N LEU B 205 3.16 6.63 -1.07
CA LEU B 205 1.67 6.68 -0.97
C LEU B 205 1.09 5.44 -0.40
N LEU B 206 0.14 5.59 0.53
CA LEU B 206 -0.54 4.42 1.11
C LEU B 206 -2.07 4.59 0.96
N TRP B 207 -2.55 5.75 1.42
CA TRP B 207 -3.98 6.06 1.32
C TRP B 207 -4.40 6.06 -0.13
N GLN B 208 -3.58 6.72 -0.93
CA GLN B 208 -3.86 7.00 -2.33
C GLN B 208 -3.75 5.78 -3.24
N ILE B 209 -3.24 4.66 -2.76
CA ILE B 209 -2.96 3.59 -3.70
C ILE B 209 -3.92 2.47 -3.53
N ALA B 210 -4.95 2.68 -2.72
CA ALA B 210 -5.96 1.64 -2.43
C ALA B 210 -6.41 0.81 -3.64
N TYR B 211 -6.53 1.50 -4.76
CA TYR B 211 -7.09 0.91 -5.98
C TYR B 211 -6.15 0.96 -7.18
N ALA B 212 -4.90 1.36 -6.99
CA ALA B 212 -3.94 1.52 -8.14
C ALA B 212 -3.35 0.22 -8.67
N GLU B 213 -3.07 0.13 -9.98
CA GLU B 213 -2.25 -0.92 -10.51
C GLU B 213 -0.82 -0.78 -9.92
N LEU B 214 -0.20 -1.89 -9.50
CA LEU B 214 1.20 -1.91 -8.99
C LEU B 214 2.11 -2.65 -9.93
N TYR B 215 3.10 -1.94 -10.45
CA TYR B 215 3.97 -2.47 -11.48
C TYR B 215 5.42 -2.46 -11.07
N PHE B 216 6.02 -3.65 -10.93
CA PHE B 216 7.42 -3.80 -10.44
C PHE B 216 8.30 -4.28 -11.58
N THR B 217 9.34 -3.52 -11.90
CA THR B 217 10.33 -3.92 -12.89
C THR B 217 11.71 -3.93 -12.28
N ASP B 218 12.52 -4.92 -12.72
CA ASP B 218 13.89 -5.05 -12.25
C ASP B 218 14.76 -3.97 -12.83
N VAL B 219 14.27 -3.25 -13.84
CA VAL B 219 15.05 -2.23 -14.50
C VAL B 219 15.43 -1.16 -13.51
N LEU B 220 16.71 -0.77 -13.49
CA LEU B 220 17.18 0.18 -12.46
C LEU B 220 16.85 1.63 -12.90
N TRP B 221 16.61 2.54 -11.95
CA TRP B 221 16.05 3.85 -12.38
C TRP B 221 16.78 4.49 -13.54
N PRO B 222 18.12 4.53 -13.49
CA PRO B 222 18.79 5.29 -14.59
C PRO B 222 18.56 4.68 -16.00
N ASP B 223 18.30 3.37 -16.06
CA ASP B 223 17.96 2.68 -17.34
C ASP B 223 16.46 2.73 -17.77
N PHE B 224 15.58 3.20 -16.89
CA PHE B 224 14.14 3.17 -17.17
C PHE B 224 13.85 4.20 -18.25
N ASP B 225 13.35 3.76 -19.40
CA ASP B 225 13.21 4.71 -20.52
C ASP B 225 11.80 4.67 -21.05
N GLU B 226 11.55 5.41 -22.10
CA GLU B 226 10.19 5.52 -22.66
C GLU B 226 9.51 4.18 -22.98
N GLN B 227 10.33 3.23 -23.37
CA GLN B 227 9.85 1.90 -23.70
C GLN B 227 9.46 1.10 -22.44
N ASP B 228 10.25 1.21 -21.37
CA ASP B 228 9.82 0.64 -20.06
C ASP B 228 8.57 1.32 -19.53
N PHE B 229 8.52 2.66 -19.62
CA PHE B 229 7.32 3.40 -19.22
C PHE B 229 6.12 2.92 -20.03
N GLU B 230 6.29 2.81 -21.35
CA GLU B 230 5.12 2.34 -22.12
C GLU B 230 4.72 0.93 -21.74
N GLY B 231 5.72 0.10 -21.42
CA GLY B 231 5.49 -1.24 -20.90
C GLY B 231 4.55 -1.22 -19.68
N ALA B 232 4.76 -0.28 -18.76
CA ALA B 232 3.90 -0.18 -17.62
C ALA B 232 2.49 0.37 -18.00
N LEU B 233 2.39 1.31 -18.94
CA LEU B 233 1.06 1.78 -19.39
C LEU B 233 0.26 0.63 -20.02
N ASN B 234 0.97 -0.25 -20.72
CA ASN B 234 0.37 -1.47 -21.27
C ASN B 234 -0.28 -2.36 -20.25
N ALA B 235 0.51 -2.75 -19.25
CA ALA B 235 0.00 -3.55 -18.17
C ALA B 235 -1.25 -2.92 -17.59
N PHE B 236 -1.27 -1.58 -17.48
CA PHE B 236 -2.48 -0.92 -17.00
C PHE B 236 -3.59 -0.98 -18.04
N ALA B 237 -3.28 -0.65 -19.30
CA ALA B 237 -4.31 -0.70 -20.37
C ALA B 237 -4.94 -2.08 -20.35
N ASN B 238 -4.14 -3.15 -20.31
CA ASN B 238 -4.67 -4.53 -20.29
C ASN B 238 -5.69 -4.90 -19.19
N ARG B 239 -5.48 -4.41 -17.98
CA ARG B 239 -6.49 -4.51 -16.93
C ARG B 239 -7.85 -3.90 -17.27
#